data_2KPB
#
_entry.id   2KPB
#
_entity_poly.entity_id   1
_entity_poly.type   'polypeptide(L)'
_entity_poly.pdbx_seq_one_letter_code
;VSVDPFYEMLAARKKRISVKKKQEQP
;
_entity_poly.pdbx_strand_id   A
#
# COMPACT_ATOMS: atom_id res chain seq x y z
N VAL A 1 3.59 -10.79 9.73
CA VAL A 1 2.17 -10.90 9.41
C VAL A 1 1.39 -9.72 9.98
N SER A 2 1.91 -9.14 11.06
CA SER A 2 1.26 -8.00 11.70
C SER A 2 1.57 -6.71 10.96
N VAL A 3 2.63 -6.73 10.16
CA VAL A 3 3.02 -5.55 9.39
C VAL A 3 2.21 -5.44 8.10
N ASP A 4 1.67 -6.57 7.66
CA ASP A 4 0.87 -6.60 6.44
C ASP A 4 -0.33 -5.67 6.54
N PRO A 5 -1.12 -5.84 7.62
CA PRO A 5 -2.30 -5.03 7.86
C PRO A 5 -1.96 -3.58 8.23
N PHE A 6 -0.81 -3.41 8.88
CA PHE A 6 -0.37 -2.08 9.28
C PHE A 6 -0.22 -1.16 8.07
N TYR A 7 0.68 -1.53 7.16
CA TYR A 7 0.92 -0.74 5.97
C TYR A 7 -0.30 -0.77 5.04
N GLU A 8 -1.15 -1.77 5.23
CA GLU A 8 -2.35 -1.91 4.42
C GLU A 8 -3.41 -0.89 4.81
N MET A 9 -3.58 -0.72 6.12
CA MET A 9 -4.56 0.23 6.64
C MET A 9 -4.02 1.65 6.60
N LEU A 10 -2.73 1.80 6.92
CA LEU A 10 -2.09 3.11 6.92
C LEU A 10 -1.74 3.55 5.50
N ALA A 11 -2.15 4.76 5.13
CA ALA A 11 -1.88 5.29 3.81
C ALA A 11 -0.46 5.85 3.72
N ALA A 12 -0.03 6.51 4.79
CA ALA A 12 1.30 7.09 4.83
C ALA A 12 2.38 6.00 4.84
N ARG A 13 1.99 4.79 5.21
CA ARG A 13 2.91 3.67 5.26
C ARG A 13 3.21 3.15 3.85
N LYS A 14 2.17 3.11 3.02
CA LYS A 14 2.32 2.63 1.64
C LYS A 14 3.32 3.49 0.87
N LYS A 15 4.55 3.00 0.77
CA LYS A 15 5.60 3.72 0.05
C LYS A 15 5.49 3.50 -1.45
N ARG A 16 6.03 2.37 -1.92
CA ARG A 16 6.00 2.04 -3.33
C ARG A 16 4.65 1.42 -3.71
N ILE A 17 3.95 0.88 -2.72
CA ILE A 17 2.64 0.27 -2.95
C ILE A 17 1.58 1.32 -3.23
N SER A 18 1.69 2.47 -2.55
CA SER A 18 0.73 3.55 -2.73
C SER A 18 0.71 4.02 -4.18
N VAL A 19 1.87 4.45 -4.68
CA VAL A 19 1.98 4.92 -6.06
C VAL A 19 1.61 3.82 -7.05
N LYS A 20 2.03 2.59 -6.75
CA LYS A 20 1.74 1.45 -7.62
C LYS A 20 0.24 1.20 -7.70
N LYS A 21 -0.45 1.34 -6.56
CA LYS A 21 -1.88 1.13 -6.51
C LYS A 21 -2.62 2.14 -7.39
N LYS A 22 -2.16 3.38 -7.37
CA LYS A 22 -2.77 4.44 -8.16
C LYS A 22 -2.64 4.14 -9.65
N GLN A 23 -1.69 3.27 -10.00
CA GLN A 23 -1.47 2.89 -11.39
C GLN A 23 -2.51 1.88 -11.85
N GLU A 24 -3.66 2.37 -12.28
CA GLU A 24 -4.74 1.50 -12.74
C GLU A 24 -4.43 0.96 -14.14
N GLN A 25 -4.33 -0.37 -14.24
CA GLN A 25 -4.03 -1.00 -15.52
C GLN A 25 -5.26 -0.98 -16.43
N PRO A 26 -5.01 -1.17 -17.74
CA PRO A 26 -6.08 -1.17 -18.74
C PRO A 26 -6.97 -2.41 -18.63
N VAL A 1 4.25 -10.62 9.72
CA VAL A 1 2.88 -10.90 9.32
C VAL A 1 1.93 -9.81 9.82
N SER A 2 2.29 -9.19 10.95
CA SER A 2 1.48 -8.13 11.53
C SER A 2 1.71 -6.80 10.81
N VAL A 3 2.83 -6.71 10.12
CA VAL A 3 3.18 -5.50 9.38
C VAL A 3 2.48 -5.46 8.03
N ASP A 4 2.10 -6.62 7.54
CA ASP A 4 1.41 -6.72 6.26
C ASP A 4 0.11 -5.92 6.26
N PRO A 5 -0.75 -6.19 7.26
CA PRO A 5 -2.02 -5.50 7.40
C PRO A 5 -1.86 -4.03 7.80
N PHE A 6 -0.76 -3.74 8.50
CA PHE A 6 -0.48 -2.38 8.95
C PHE A 6 -0.35 -1.44 7.76
N TYR A 7 0.57 -1.78 6.85
CA TYR A 7 0.81 -0.95 5.67
C TYR A 7 -0.30 -1.14 4.64
N GLU A 8 -1.03 -2.24 4.76
CA GLU A 8 -2.13 -2.53 3.84
C GLU A 8 -3.36 -1.70 4.17
N MET A 9 -3.64 -1.54 5.46
CA MET A 9 -4.79 -0.76 5.91
C MET A 9 -4.47 0.73 5.90
N LEU A 10 -3.25 1.07 6.30
CA LEU A 10 -2.82 2.46 6.35
C LEU A 10 -2.39 2.94 4.96
N ALA A 11 -2.97 4.06 4.53
CA ALA A 11 -2.65 4.62 3.22
C ALA A 11 -1.33 5.40 3.28
N ALA A 12 -0.93 5.80 4.47
CA ALA A 12 0.30 6.56 4.66
C ALA A 12 1.52 5.63 4.61
N ARG A 13 1.42 4.48 5.26
CA ARG A 13 2.50 3.52 5.29
C ARG A 13 2.87 3.06 3.89
N LYS A 14 1.93 3.24 2.95
CA LYS A 14 2.17 2.85 1.57
C LYS A 14 3.21 3.74 0.90
N LYS A 15 4.44 3.25 0.83
CA LYS A 15 5.52 4.00 0.22
C LYS A 15 5.50 3.87 -1.30
N ARG A 16 6.05 2.79 -1.81
CA ARG A 16 6.09 2.55 -3.26
C ARG A 16 4.76 1.96 -3.74
N ILE A 17 4.01 1.38 -2.82
CA ILE A 17 2.72 0.78 -3.15
C ILE A 17 1.67 1.84 -3.42
N SER A 18 1.74 2.94 -2.66
CA SER A 18 0.80 4.04 -2.82
C SER A 18 0.85 4.60 -4.24
N VAL A 19 2.03 5.06 -4.65
CA VAL A 19 2.22 5.62 -5.98
C VAL A 19 1.89 4.59 -7.06
N LYS A 20 2.29 3.35 -6.83
CA LYS A 20 2.05 2.27 -7.78
C LYS A 20 0.56 1.92 -7.83
N LYS A 21 -0.17 2.29 -6.78
CA LYS A 21 -1.60 2.02 -6.71
C LYS A 21 -2.38 3.02 -7.56
N LYS A 22 -2.01 4.29 -7.48
CA LYS A 22 -2.67 5.33 -8.24
C LYS A 22 -2.54 5.08 -9.74
N GLN A 23 -1.56 4.27 -10.12
CA GLN A 23 -1.34 3.95 -11.52
C GLN A 23 -2.44 3.04 -12.06
N GLU A 24 -2.55 2.97 -13.39
CA GLU A 24 -3.57 2.16 -14.03
C GLU A 24 -3.33 0.68 -13.76
N GLN A 25 -4.34 0.00 -13.22
CA GLN A 25 -4.24 -1.42 -12.92
C GLN A 25 -4.44 -2.26 -14.17
N PRO A 26 -3.86 -3.47 -14.18
CA PRO A 26 -3.97 -4.39 -15.31
C PRO A 26 -5.37 -4.96 -15.47
N VAL A 1 3.54 -10.95 9.36
CA VAL A 1 2.09 -11.05 9.25
C VAL A 1 1.40 -9.85 9.89
N SER A 2 2.02 -9.30 10.93
CA SER A 2 1.47 -8.16 11.64
C SER A 2 1.77 -6.86 10.88
N VAL A 3 2.77 -6.92 10.00
CA VAL A 3 3.16 -5.75 9.21
C VAL A 3 2.26 -5.59 7.99
N ASP A 4 1.63 -6.69 7.58
CA ASP A 4 0.74 -6.66 6.42
C ASP A 4 -0.41 -5.69 6.64
N PRO A 5 -1.12 -5.84 7.77
CA PRO A 5 -2.25 -4.98 8.12
C PRO A 5 -1.82 -3.57 8.48
N PHE A 6 -0.59 -3.44 8.98
CA PHE A 6 -0.05 -2.14 9.37
C PHE A 6 0.04 -1.21 8.16
N TYR A 7 0.76 -1.67 7.14
CA TYR A 7 0.94 -0.88 5.92
C TYR A 7 -0.34 -0.88 5.07
N GLU A 8 -1.20 -1.85 5.34
CA GLU A 8 -2.46 -1.98 4.60
C GLU A 8 -3.48 -0.94 5.07
N MET A 9 -3.54 -0.75 6.39
CA MET A 9 -4.47 0.21 6.97
C MET A 9 -3.91 1.62 6.90
N LEU A 10 -2.62 1.76 7.14
CA LEU A 10 -1.96 3.06 7.09
C LEU A 10 -1.64 3.45 5.65
N ALA A 11 -2.05 4.66 5.27
CA ALA A 11 -1.81 5.16 3.92
C ALA A 11 -0.39 5.70 3.78
N ALA A 12 0.08 6.39 4.83
CA ALA A 12 1.42 6.96 4.82
C ALA A 12 2.48 5.87 4.81
N ARG A 13 2.09 4.66 5.23
CA ARG A 13 3.00 3.52 5.26
C ARG A 13 3.22 2.96 3.87
N LYS A 14 2.16 2.90 3.08
CA LYS A 14 2.24 2.37 1.71
C LYS A 14 3.22 3.20 0.88
N LYS A 15 4.44 2.68 0.73
CA LYS A 15 5.47 3.37 -0.05
C LYS A 15 5.29 3.09 -1.53
N ARG A 16 5.79 1.96 -1.98
CA ARG A 16 5.69 1.57 -3.39
C ARG A 16 4.32 0.96 -3.68
N ILE A 17 3.66 0.46 -2.64
CA ILE A 17 2.34 -0.13 -2.81
C ILE A 17 1.27 0.92 -3.07
N SER A 18 1.43 2.08 -2.45
CA SER A 18 0.48 3.17 -2.61
C SER A 18 0.39 3.60 -4.08
N VAL A 19 1.54 3.99 -4.64
CA VAL A 19 1.59 4.42 -6.03
C VAL A 19 1.17 3.29 -6.97
N LYS A 20 1.59 2.07 -6.65
CA LYS A 20 1.24 0.91 -7.46
C LYS A 20 -0.24 0.58 -7.34
N LYS A 21 -0.86 1.07 -6.28
CA LYS A 21 -2.29 0.83 -6.06
C LYS A 21 -3.14 1.76 -6.90
N LYS A 22 -2.74 3.03 -6.96
CA LYS A 22 -3.47 4.02 -7.74
C LYS A 22 -3.18 3.87 -9.23
N GLN A 23 -2.07 3.20 -9.55
CA GLN A 23 -1.68 2.98 -10.93
C GLN A 23 -2.75 2.18 -11.68
N GLU A 24 -3.15 2.68 -12.84
CA GLU A 24 -4.17 2.01 -13.65
C GLU A 24 -3.71 0.61 -14.05
N GLN A 25 -4.66 -0.32 -14.14
CA GLN A 25 -4.34 -1.70 -14.51
C GLN A 25 -3.71 -1.75 -15.90
N PRO A 26 -2.93 -2.82 -16.14
CA PRO A 26 -2.25 -3.01 -17.42
C PRO A 26 -3.21 -3.35 -18.55
N VAL A 1 4.75 -10.51 10.10
CA VAL A 1 3.38 -10.85 9.71
C VAL A 1 2.39 -9.79 10.18
N SER A 2 2.76 -9.09 11.25
CA SER A 2 1.90 -8.03 11.80
C SER A 2 2.03 -6.74 11.00
N VAL A 3 3.13 -6.63 10.26
CA VAL A 3 3.37 -5.44 9.45
C VAL A 3 2.63 -5.52 8.11
N ASP A 4 2.29 -6.74 7.71
CA ASP A 4 1.57 -6.96 6.46
C ASP A 4 0.23 -6.23 6.47
N PRO A 5 -0.57 -6.48 7.51
CA PRO A 5 -1.89 -5.87 7.66
C PRO A 5 -1.80 -4.37 7.97
N PHE A 6 -0.73 -3.99 8.65
CA PHE A 6 -0.52 -2.58 9.02
C PHE A 6 -0.46 -1.70 7.77
N TYR A 7 0.50 -1.99 6.90
CA TYR A 7 0.66 -1.22 5.68
C TYR A 7 -0.46 -1.52 4.68
N GLU A 8 -1.12 -2.65 4.88
CA GLU A 8 -2.22 -3.06 4.00
C GLU A 8 -3.47 -2.22 4.28
N MET A 9 -3.75 -2.00 5.57
CA MET A 9 -4.91 -1.22 5.97
C MET A 9 -4.64 0.27 5.86
N LEU A 10 -3.42 0.67 6.23
CA LEU A 10 -3.03 2.08 6.17
C LEU A 10 -2.64 2.47 4.75
N ALA A 11 -3.23 3.55 4.25
CA ALA A 11 -2.93 4.04 2.91
C ALA A 11 -1.63 4.85 2.89
N ALA A 12 -1.42 5.65 3.93
CA ALA A 12 -0.22 6.46 4.04
C ALA A 12 1.02 5.60 4.22
N ARG A 13 0.81 4.36 4.66
CA ARG A 13 1.92 3.43 4.87
C ARG A 13 2.44 2.89 3.54
N LYS A 14 1.62 2.98 2.51
CA LYS A 14 1.99 2.50 1.19
C LYS A 14 3.07 3.38 0.57
N LYS A 15 4.31 2.93 0.67
CA LYS A 15 5.44 3.68 0.12
C LYS A 15 5.58 3.44 -1.38
N ARG A 16 6.22 2.32 -1.74
CA ARG A 16 6.41 1.97 -3.14
C ARG A 16 5.16 1.31 -3.71
N ILE A 17 4.33 0.77 -2.84
CA ILE A 17 3.10 0.11 -3.26
C ILE A 17 2.06 1.12 -3.72
N SER A 18 2.03 2.28 -3.06
CA SER A 18 1.08 3.32 -3.39
C SER A 18 1.26 3.78 -4.84
N VAL A 19 2.47 4.23 -5.16
CA VAL A 19 2.78 4.69 -6.51
C VAL A 19 2.61 3.58 -7.53
N LYS A 20 3.00 2.37 -7.15
CA LYS A 20 2.90 1.21 -8.03
C LYS A 20 1.42 0.90 -8.33
N LYS A 21 0.58 1.02 -7.32
CA LYS A 21 -0.85 0.76 -7.48
C LYS A 21 -1.48 1.76 -8.44
N LYS A 22 -1.09 3.03 -8.32
CA LYS A 22 -1.61 4.07 -9.17
C LYS A 22 -1.30 3.79 -10.64
N GLN A 23 -0.30 2.94 -10.87
CA GLN A 23 0.10 2.59 -12.22
C GLN A 23 -0.85 1.55 -12.82
N GLU A 24 -1.58 0.86 -11.96
CA GLU A 24 -2.54 -0.16 -12.40
C GLU A 24 -3.79 0.48 -12.96
N GLN A 25 -4.76 -0.35 -13.32
CA GLN A 25 -6.02 0.14 -13.87
C GLN A 25 -6.74 1.04 -12.88
N PRO A 26 -7.60 1.93 -13.40
CA PRO A 26 -8.37 2.87 -12.57
C PRO A 26 -9.43 2.16 -11.73
N VAL A 1 3.82 -10.89 10.19
CA VAL A 1 2.37 -11.04 10.11
C VAL A 1 1.65 -9.84 10.70
N SER A 2 2.28 -9.21 11.69
CA SER A 2 1.70 -8.04 12.34
C SER A 2 1.93 -6.78 11.51
N VAL A 3 2.91 -6.84 10.61
CA VAL A 3 3.23 -5.71 9.75
C VAL A 3 2.29 -5.66 8.55
N ASP A 4 1.70 -6.80 8.22
CA ASP A 4 0.77 -6.88 7.08
C ASP A 4 -0.40 -5.93 7.28
N PRO A 5 -1.08 -6.06 8.43
CA PRO A 5 -2.24 -5.23 8.76
C PRO A 5 -1.85 -3.78 9.04
N PHE A 6 -0.67 -3.58 9.61
CA PHE A 6 -0.18 -2.24 9.92
C PHE A 6 -0.08 -1.39 8.66
N TYR A 7 0.65 -1.89 7.67
CA TYR A 7 0.83 -1.19 6.42
C TYR A 7 -0.44 -1.24 5.57
N GLU A 8 -1.31 -2.19 5.88
CA GLU A 8 -2.56 -2.36 5.15
C GLU A 8 -3.59 -1.32 5.60
N MET A 9 -3.64 -1.07 6.90
CA MET A 9 -4.58 -0.11 7.46
C MET A 9 -4.06 1.32 7.28
N LEU A 10 -2.76 1.50 7.46
CA LEU A 10 -2.14 2.82 7.32
C LEU A 10 -1.90 3.15 5.85
N ALA A 11 -2.34 4.33 5.43
CA ALA A 11 -2.17 4.76 4.06
C ALA A 11 -0.77 5.31 3.82
N ALA A 12 -0.25 6.05 4.80
CA ALA A 12 1.08 6.63 4.70
C ALA A 12 2.15 5.53 4.75
N ARG A 13 1.76 4.34 5.17
CA ARG A 13 2.69 3.23 5.27
C ARG A 13 2.96 2.62 3.89
N LYS A 14 2.06 2.88 2.95
CA LYS A 14 2.20 2.37 1.59
C LYS A 14 3.16 3.23 0.78
N LYS A 15 4.40 2.77 0.67
CA LYS A 15 5.42 3.49 -0.08
C LYS A 15 5.29 3.22 -1.57
N ARG A 16 5.84 2.10 -2.02
CA ARG A 16 5.78 1.72 -3.44
C ARG A 16 4.44 1.07 -3.77
N ILE A 17 3.78 0.55 -2.75
CA ILE A 17 2.49 -0.10 -2.94
C ILE A 17 1.39 0.92 -3.22
N SER A 18 1.49 2.07 -2.57
CA SER A 18 0.50 3.13 -2.74
C SER A 18 0.42 3.56 -4.21
N VAL A 19 1.55 3.99 -4.75
CA VAL A 19 1.62 4.44 -6.14
C VAL A 19 1.26 3.30 -7.10
N LYS A 20 1.72 2.10 -6.78
CA LYS A 20 1.45 0.94 -7.60
C LYS A 20 -0.05 0.66 -7.69
N LYS A 21 -0.73 0.82 -6.57
CA LYS A 21 -2.17 0.60 -6.51
C LYS A 21 -2.92 1.69 -7.27
N LYS A 22 -2.47 2.93 -7.13
CA LYS A 22 -3.09 4.05 -7.81
C LYS A 22 -3.02 3.89 -9.32
N GLN A 23 -2.10 3.04 -9.78
CA GLN A 23 -1.93 2.79 -11.20
C GLN A 23 -3.14 2.06 -11.78
N GLU A 24 -3.99 2.81 -12.48
CA GLU A 24 -5.19 2.23 -13.08
C GLU A 24 -4.83 1.25 -14.19
N GLN A 25 -3.82 1.61 -14.98
CA GLN A 25 -3.38 0.76 -16.08
C GLN A 25 -2.88 -0.58 -15.56
N PRO A 26 -2.81 -1.58 -16.45
CA PRO A 26 -2.35 -2.93 -16.11
C PRO A 26 -0.85 -2.96 -15.83
N VAL A 1 3.69 -10.84 9.36
CA VAL A 1 2.24 -10.98 9.34
C VAL A 1 1.57 -9.78 10.02
N SER A 2 2.22 -9.23 11.03
CA SER A 2 1.69 -8.08 11.76
C SER A 2 1.94 -6.79 10.98
N VAL A 3 2.90 -6.83 10.07
CA VAL A 3 3.24 -5.66 9.27
C VAL A 3 2.29 -5.51 8.08
N ASP A 4 1.66 -6.61 7.70
CA ASP A 4 0.73 -6.61 6.58
C ASP A 4 -0.43 -5.64 6.84
N PRO A 5 -1.09 -5.81 8.00
CA PRO A 5 -2.22 -4.97 8.39
C PRO A 5 -1.79 -3.54 8.73
N PHE A 6 -0.57 -3.41 9.21
CA PHE A 6 -0.03 -2.10 9.59
C PHE A 6 -0.01 -1.16 8.38
N TYR A 7 0.71 -1.56 7.35
CA TYR A 7 0.82 -0.76 6.14
C TYR A 7 -0.49 -0.78 5.35
N GLU A 8 -1.32 -1.79 5.61
CA GLU A 8 -2.60 -1.92 4.93
C GLU A 8 -3.61 -0.90 5.45
N MET A 9 -3.62 -0.71 6.77
CA MET A 9 -4.53 0.24 7.39
C MET A 9 -3.99 1.66 7.27
N LEU A 10 -2.69 1.81 7.43
CA LEU A 10 -2.05 3.13 7.33
C LEU A 10 -1.84 3.53 5.88
N ALA A 11 -2.23 4.76 5.55
CA ALA A 11 -2.07 5.27 4.19
C ALA A 11 -0.64 5.73 3.93
N ALA A 12 -0.13 6.59 4.82
CA ALA A 12 1.23 7.10 4.69
C ALA A 12 2.24 5.97 4.71
N ARG A 13 1.84 4.82 5.24
CA ARG A 13 2.73 3.66 5.33
C ARG A 13 2.99 3.08 3.94
N LYS A 14 1.94 2.95 3.14
CA LYS A 14 2.06 2.41 1.79
C LYS A 14 2.99 3.26 0.95
N LYS A 15 4.23 2.81 0.79
CA LYS A 15 5.22 3.54 0.00
C LYS A 15 5.03 3.26 -1.49
N ARG A 16 5.51 2.10 -1.93
CA ARG A 16 5.40 1.72 -3.33
C ARG A 16 4.01 1.16 -3.64
N ILE A 17 3.47 0.40 -2.69
CA ILE A 17 2.15 -0.20 -2.85
C ILE A 17 1.09 0.86 -3.12
N SER A 18 1.25 2.01 -2.46
CA SER A 18 0.31 3.12 -2.63
C SER A 18 0.24 3.57 -4.09
N VAL A 19 1.36 4.06 -4.60
CA VAL A 19 1.42 4.53 -5.98
C VAL A 19 1.09 3.41 -6.95
N LYS A 20 1.58 2.21 -6.65
CA LYS A 20 1.34 1.05 -7.50
C LYS A 20 -0.15 0.73 -7.58
N LYS A 21 -0.84 0.85 -6.45
CA LYS A 21 -2.27 0.58 -6.39
C LYS A 21 -3.05 1.65 -7.15
N LYS A 22 -2.65 2.90 -6.99
CA LYS A 22 -3.30 4.01 -7.68
C LYS A 22 -3.00 4.00 -9.17
N GLN A 23 -1.93 3.30 -9.54
CA GLN A 23 -1.54 3.21 -10.94
C GLN A 23 -2.50 2.33 -11.72
N GLU A 24 -3.08 2.89 -12.78
CA GLU A 24 -4.02 2.16 -13.61
C GLU A 24 -3.32 1.06 -14.41
N GLN A 25 -4.08 0.05 -14.83
CA GLN A 25 -3.53 -1.06 -15.59
C GLN A 25 -3.04 -0.59 -16.96
N PRO A 26 -2.17 -1.39 -17.58
CA PRO A 26 -1.60 -1.07 -18.90
C PRO A 26 -2.64 -1.17 -20.01
N VAL A 1 3.86 -10.81 9.63
CA VAL A 1 2.45 -10.99 9.36
C VAL A 1 1.63 -9.82 9.93
N SER A 2 2.12 -9.24 11.02
CA SER A 2 1.45 -8.12 11.65
C SER A 2 1.73 -6.82 10.91
N VAL A 3 2.80 -6.81 10.12
CA VAL A 3 3.18 -5.63 9.36
C VAL A 3 2.38 -5.53 8.07
N ASP A 4 1.86 -6.67 7.61
CA ASP A 4 1.08 -6.71 6.38
C ASP A 4 -0.14 -5.80 6.49
N PRO A 5 -0.94 -6.01 7.56
CA PRO A 5 -2.15 -5.21 7.79
C PRO A 5 -1.84 -3.77 8.17
N PHE A 6 -0.68 -3.57 8.79
CA PHE A 6 -0.27 -2.22 9.20
C PHE A 6 -0.12 -1.30 7.99
N TYR A 7 0.70 -1.72 7.04
CA TYR A 7 0.92 -0.92 5.83
C TYR A 7 -0.28 -1.01 4.89
N GLU A 8 -1.10 -2.04 5.09
CA GLU A 8 -2.27 -2.23 4.25
C GLU A 8 -3.39 -1.25 4.64
N MET A 9 -3.57 -1.07 5.94
CA MET A 9 -4.60 -0.16 6.45
C MET A 9 -4.11 1.29 6.39
N LEU A 10 -2.86 1.50 6.76
CA LEU A 10 -2.27 2.83 6.77
C LEU A 10 -1.83 3.23 5.36
N ALA A 11 -2.27 4.42 4.93
CA ALA A 11 -1.92 4.92 3.60
C ALA A 11 -0.52 5.53 3.60
N ALA A 12 -0.19 6.24 4.67
CA ALA A 12 1.12 6.88 4.79
C ALA A 12 2.23 5.83 4.83
N ARG A 13 1.86 4.60 5.18
CA ARG A 13 2.83 3.51 5.25
C ARG A 13 3.15 2.97 3.86
N LYS A 14 2.14 2.87 3.02
CA LYS A 14 2.31 2.36 1.66
C LYS A 14 3.29 3.24 0.88
N LYS A 15 4.54 2.79 0.80
CA LYS A 15 5.56 3.54 0.08
C LYS A 15 5.49 3.27 -1.43
N ARG A 16 6.04 2.13 -1.85
CA ARG A 16 6.02 1.76 -3.25
C ARG A 16 4.70 1.10 -3.63
N ILE A 17 4.01 0.56 -2.63
CA ILE A 17 2.73 -0.10 -2.85
C ILE A 17 1.63 0.92 -3.17
N SER A 18 1.70 2.08 -2.53
CA SER A 18 0.72 3.13 -2.75
C SER A 18 0.69 3.55 -4.21
N VAL A 19 1.84 3.99 -4.71
CA VAL A 19 1.94 4.44 -6.10
C VAL A 19 1.62 3.30 -7.06
N LYS A 20 2.07 2.10 -6.73
CA LYS A 20 1.83 0.93 -7.56
C LYS A 20 0.34 0.64 -7.67
N LYS A 21 -0.37 0.80 -6.56
CA LYS A 21 -1.81 0.55 -6.53
C LYS A 21 -2.56 1.63 -7.32
N LYS A 22 -2.11 2.87 -7.18
CA LYS A 22 -2.73 4.00 -7.88
C LYS A 22 -2.62 3.83 -9.39
N GLN A 23 -1.67 2.99 -9.81
CA GLN A 23 -1.46 2.74 -11.24
C GLN A 23 -2.65 2.00 -11.85
N GLU A 24 -3.45 2.71 -12.64
CA GLU A 24 -4.62 2.12 -13.27
C GLU A 24 -4.20 1.10 -14.32
N GLN A 25 -5.09 0.14 -14.58
CA GLN A 25 -4.81 -0.91 -15.56
C GLN A 25 -4.74 -0.33 -16.97
N PRO A 26 -4.12 -1.08 -17.88
CA PRO A 26 -3.97 -0.67 -19.28
C PRO A 26 -5.30 -0.68 -20.03
N VAL A 1 3.72 -11.04 9.16
CA VAL A 1 2.27 -11.11 9.07
C VAL A 1 1.61 -9.93 9.77
N SER A 2 2.29 -9.38 10.78
CA SER A 2 1.78 -8.25 11.53
C SER A 2 2.01 -6.95 10.76
N VAL A 3 2.96 -6.98 9.83
CA VAL A 3 3.28 -5.80 9.04
C VAL A 3 2.31 -5.64 7.87
N ASP A 4 1.66 -6.73 7.50
CA ASP A 4 0.70 -6.72 6.40
C ASP A 4 -0.45 -5.75 6.70
N PRO A 5 -1.08 -5.92 7.86
CA PRO A 5 -2.20 -5.08 8.29
C PRO A 5 -1.76 -3.67 8.64
N PHE A 6 -0.52 -3.54 9.11
CA PHE A 6 0.03 -2.24 9.48
C PHE A 6 0.03 -1.29 8.28
N TYR A 7 0.72 -1.68 7.23
CA TYR A 7 0.80 -0.86 6.02
C TYR A 7 -0.52 -0.87 5.26
N GLU A 8 -1.35 -1.88 5.54
CA GLU A 8 -2.64 -2.00 4.88
C GLU A 8 -3.64 -0.98 5.44
N MET A 9 -3.62 -0.81 6.75
CA MET A 9 -4.51 0.13 7.41
C MET A 9 -3.98 1.56 7.30
N LEU A 10 -2.67 1.70 7.42
CA LEU A 10 -2.03 3.02 7.33
C LEU A 10 -1.85 3.44 5.87
N ALA A 11 -2.24 4.68 5.57
CA ALA A 11 -2.12 5.20 4.22
C ALA A 11 -0.69 5.66 3.93
N ALA A 12 -0.16 6.50 4.82
CA ALA A 12 1.19 7.01 4.66
C ALA A 12 2.21 5.88 4.64
N ARG A 13 1.82 4.73 5.17
CA ARG A 13 2.70 3.57 5.21
C ARG A 13 2.94 3.01 3.81
N LYS A 14 1.86 2.89 3.04
CA LYS A 14 1.94 2.36 1.69
C LYS A 14 2.86 3.23 0.83
N LYS A 15 4.09 2.77 0.63
CA LYS A 15 5.06 3.51 -0.17
C LYS A 15 4.84 3.25 -1.66
N ARG A 16 5.30 2.09 -2.13
CA ARG A 16 5.16 1.72 -3.52
C ARG A 16 3.77 1.17 -3.80
N ILE A 17 3.24 0.40 -2.86
CA ILE A 17 1.92 -0.20 -3.00
C ILE A 17 0.86 0.87 -3.21
N SER A 18 1.04 2.01 -2.56
CA SER A 18 0.09 3.12 -2.69
C SER A 18 -0.01 3.59 -4.13
N VAL A 19 1.10 4.08 -4.67
CA VAL A 19 1.14 4.56 -6.05
C VAL A 19 0.78 3.45 -7.02
N LYS A 20 1.26 2.25 -6.75
CA LYS A 20 0.99 1.10 -7.60
C LYS A 20 -0.49 0.70 -7.53
N LYS A 21 -1.16 1.14 -6.46
CA LYS A 21 -2.57 0.83 -6.27
C LYS A 21 -3.44 1.76 -7.10
N LYS A 22 -3.14 3.05 -7.05
CA LYS A 22 -3.89 4.05 -7.80
C LYS A 22 -3.60 3.95 -9.29
N GLN A 23 -2.48 3.33 -9.63
CA GLN A 23 -2.08 3.16 -11.02
C GLN A 23 -3.11 2.33 -11.78
N GLU A 24 -3.64 2.89 -12.86
CA GLU A 24 -4.63 2.19 -13.66
C GLU A 24 -4.05 0.91 -14.26
N GLN A 25 -2.80 0.99 -14.71
CA GLN A 25 -2.13 -0.16 -15.30
C GLN A 25 -1.82 -1.21 -14.25
N PRO A 26 -1.58 -2.46 -14.70
CA PRO A 26 -1.27 -3.58 -13.81
C PRO A 26 0.09 -3.45 -13.17
N VAL A 1 4.51 -10.97 9.78
CA VAL A 1 3.09 -11.21 9.51
C VAL A 1 2.23 -10.10 10.11
N SER A 2 2.75 -9.46 11.15
CA SER A 2 2.02 -8.38 11.82
C SER A 2 2.16 -7.07 11.06
N VAL A 3 3.18 -7.00 10.21
CA VAL A 3 3.42 -5.80 9.41
C VAL A 3 2.55 -5.78 8.16
N ASP A 4 2.09 -6.96 7.75
CA ASP A 4 1.24 -7.09 6.57
C ASP A 4 -0.04 -6.27 6.73
N PRO A 5 -0.75 -6.51 7.84
CA PRO A 5 -2.00 -5.81 8.14
C PRO A 5 -1.78 -4.35 8.49
N PHE A 6 -0.64 -4.05 9.11
CA PHE A 6 -0.31 -2.68 9.49
C PHE A 6 -0.24 -1.78 8.27
N TYR A 7 0.56 -2.17 7.30
CA TYR A 7 0.72 -1.39 6.08
C TYR A 7 -0.49 -1.57 5.16
N GLU A 8 -1.28 -2.60 5.43
CA GLU A 8 -2.47 -2.87 4.63
C GLU A 8 -3.63 -1.97 5.05
N MET A 9 -3.77 -1.76 6.35
CA MET A 9 -4.83 -0.93 6.88
C MET A 9 -4.47 0.56 6.77
N LEU A 10 -3.21 0.87 7.06
CA LEU A 10 -2.74 2.25 6.99
C LEU A 10 -2.47 2.66 5.55
N ALA A 11 -3.01 3.81 5.16
CA ALA A 11 -2.84 4.33 3.81
C ALA A 11 -1.49 5.02 3.65
N ALA A 12 -1.09 5.75 4.68
CA ALA A 12 0.19 6.46 4.67
C ALA A 12 1.36 5.49 4.69
N ARG A 13 1.10 4.26 5.15
CA ARG A 13 2.13 3.24 5.23
C ARG A 13 2.51 2.73 3.84
N LYS A 14 1.61 2.95 2.87
CA LYS A 14 1.84 2.51 1.50
C LYS A 14 2.95 3.35 0.85
N LYS A 15 4.15 2.81 0.83
CA LYS A 15 5.29 3.51 0.23
C LYS A 15 5.30 3.33 -1.29
N ARG A 16 5.82 2.19 -1.73
CA ARG A 16 5.89 1.89 -3.16
C ARG A 16 4.56 1.35 -3.67
N ILE A 17 3.75 0.82 -2.76
CA ILE A 17 2.45 0.28 -3.11
C ILE A 17 1.46 1.39 -3.45
N SER A 18 1.56 2.50 -2.73
CA SER A 18 0.68 3.64 -2.96
C SER A 18 0.79 4.14 -4.39
N VAL A 19 2.00 4.52 -4.77
CA VAL A 19 2.25 5.03 -6.12
C VAL A 19 1.92 3.98 -7.17
N LYS A 20 2.26 2.73 -6.88
CA LYS A 20 2.00 1.63 -7.80
C LYS A 20 0.50 1.44 -8.01
N LYS A 21 -0.26 1.56 -6.93
CA LYS A 21 -1.71 1.41 -6.99
C LYS A 21 -2.35 2.58 -7.74
N LYS A 22 -1.86 3.78 -7.46
CA LYS A 22 -2.38 4.99 -8.12
C LYS A 22 -2.21 4.91 -9.63
N GLN A 23 -1.30 4.04 -10.07
CA GLN A 23 -1.05 3.87 -11.50
C GLN A 23 -2.24 3.22 -12.19
N GLU A 24 -2.27 3.33 -13.51
CA GLU A 24 -3.36 2.76 -14.30
C GLU A 24 -3.29 1.22 -14.27
N GLN A 25 -4.12 0.62 -13.42
CA GLN A 25 -4.16 -0.84 -13.30
C GLN A 25 -4.53 -1.48 -14.62
N PRO A 26 -4.13 -2.75 -14.80
CA PRO A 26 -4.42 -3.50 -16.03
C PRO A 26 -5.90 -3.85 -16.15
N VAL A 1 3.63 -11.05 8.84
CA VAL A 1 2.19 -11.17 8.66
C VAL A 1 1.46 -10.02 9.34
N SER A 2 2.04 -9.51 10.43
CA SER A 2 1.44 -8.41 11.17
C SER A 2 1.74 -7.08 10.49
N VAL A 3 2.75 -7.07 9.65
CA VAL A 3 3.14 -5.85 8.92
C VAL A 3 2.27 -5.65 7.69
N ASP A 4 1.67 -6.74 7.21
CA ASP A 4 0.82 -6.67 6.03
C ASP A 4 -0.36 -5.74 6.26
N PRO A 5 -1.10 -5.97 7.35
CA PRO A 5 -2.27 -5.16 7.71
C PRO A 5 -1.87 -3.75 8.16
N PHE A 6 -0.68 -3.63 8.75
CA PHE A 6 -0.19 -2.35 9.22
C PHE A 6 -0.09 -1.35 8.07
N TYR A 7 0.69 -1.70 7.06
CA TYR A 7 0.88 -0.84 5.90
C TYR A 7 -0.36 -0.83 5.02
N GLU A 8 -1.20 -1.84 5.18
CA GLU A 8 -2.43 -1.95 4.40
C GLU A 8 -3.48 -0.97 4.91
N MET A 9 -3.57 -0.84 6.22
CA MET A 9 -4.54 0.07 6.83
C MET A 9 -4.02 1.50 6.82
N LEU A 10 -2.73 1.65 7.07
CA LEU A 10 -2.11 2.98 7.08
C LEU A 10 -1.81 3.46 5.67
N ALA A 11 -2.20 4.70 5.37
CA ALA A 11 -1.96 5.27 4.05
C ALA A 11 -0.53 5.78 3.92
N ALA A 12 -0.08 6.53 4.91
CA ALA A 12 1.27 7.08 4.91
C ALA A 12 2.31 5.97 4.87
N ARG A 13 1.90 4.76 5.26
CA ARG A 13 2.80 3.62 5.27
C ARG A 13 3.06 3.11 3.85
N LYS A 14 2.01 3.12 3.03
CA LYS A 14 2.12 2.66 1.65
C LYS A 14 2.98 3.63 0.82
N LYS A 15 4.24 3.28 0.64
CA LYS A 15 5.16 4.11 -0.12
C LYS A 15 4.99 3.87 -1.62
N ARG A 16 5.54 2.76 -2.11
CA ARG A 16 5.45 2.42 -3.52
C ARG A 16 4.10 1.77 -3.84
N ILE A 17 3.61 0.95 -2.92
CA ILE A 17 2.34 0.26 -3.10
C ILE A 17 1.21 1.28 -3.32
N SER A 18 1.29 2.41 -2.62
CA SER A 18 0.28 3.45 -2.73
C SER A 18 0.17 3.95 -4.16
N VAL A 19 1.26 4.53 -4.66
CA VAL A 19 1.30 5.05 -6.02
C VAL A 19 1.03 3.95 -7.04
N LYS A 20 1.59 2.78 -6.79
CA LYS A 20 1.41 1.64 -7.69
C LYS A 20 -0.04 1.14 -7.66
N LYS A 21 -0.75 1.49 -6.60
CA LYS A 21 -2.14 1.08 -6.44
C LYS A 21 -3.06 1.97 -7.26
N LYS A 22 -2.84 3.28 -7.18
CA LYS A 22 -3.64 4.25 -7.92
C LYS A 22 -3.26 4.27 -9.40
N GLN A 23 -2.07 3.77 -9.70
CA GLN A 23 -1.58 3.72 -11.08
C GLN A 23 -2.48 2.82 -11.93
N GLU A 24 -2.37 2.98 -13.25
CA GLU A 24 -3.17 2.18 -14.17
C GLU A 24 -2.83 0.69 -14.05
N GLN A 25 -3.73 -0.15 -14.51
CA GLN A 25 -3.53 -1.60 -14.45
C GLN A 25 -2.55 -2.06 -15.52
N PRO A 26 -1.97 -3.25 -15.33
CA PRO A 26 -1.01 -3.83 -16.28
C PRO A 26 -1.66 -4.25 -17.59
N VAL A 1 2.78 -11.32 8.52
CA VAL A 1 1.33 -11.42 8.47
C VAL A 1 0.68 -10.23 9.17
N SER A 2 1.29 -9.78 10.26
CA SER A 2 0.77 -8.65 11.02
C SER A 2 1.15 -7.32 10.37
N VAL A 3 2.17 -7.37 9.51
CA VAL A 3 2.64 -6.18 8.82
C VAL A 3 1.79 -5.90 7.58
N ASP A 4 1.13 -6.94 7.08
CA ASP A 4 0.28 -6.80 5.90
C ASP A 4 -0.83 -5.78 6.14
N PRO A 5 -1.58 -5.98 7.23
CA PRO A 5 -2.69 -5.09 7.60
C PRO A 5 -2.21 -3.72 8.06
N PHE A 6 -1.02 -3.69 8.66
CA PHE A 6 -0.44 -2.45 9.15
C PHE A 6 -0.28 -1.44 8.01
N TYR A 7 0.52 -1.81 7.01
CA TYR A 7 0.77 -0.94 5.86
C TYR A 7 -0.49 -0.83 4.99
N GLU A 8 -1.39 -1.77 5.14
CA GLU A 8 -2.62 -1.78 4.37
C GLU A 8 -3.60 -0.71 4.88
N MET A 9 -3.69 -0.61 6.20
CA MET A 9 -4.58 0.37 6.83
C MET A 9 -3.93 1.76 6.84
N LEU A 10 -2.63 1.80 7.10
CA LEU A 10 -1.90 3.06 7.15
C LEU A 10 -1.66 3.60 5.73
N ALA A 11 -2.00 4.86 5.53
CA ALA A 11 -1.83 5.50 4.23
C ALA A 11 -0.38 5.96 4.03
N ALA A 12 0.22 6.48 5.10
CA ALA A 12 1.60 6.95 5.05
C ALA A 12 2.58 5.78 4.96
N ARG A 13 2.12 4.60 5.35
CA ARG A 13 2.94 3.40 5.31
C ARG A 13 3.18 2.94 3.88
N LYS A 14 2.12 2.92 3.08
CA LYS A 14 2.21 2.51 1.69
C LYS A 14 3.16 3.42 0.91
N LYS A 15 4.40 2.97 0.75
CA LYS A 15 5.40 3.74 0.03
C LYS A 15 5.24 3.57 -1.49
N ARG A 16 5.71 2.43 -1.99
CA ARG A 16 5.62 2.13 -3.41
C ARG A 16 4.23 1.62 -3.77
N ILE A 17 3.65 0.81 -2.90
CA ILE A 17 2.33 0.25 -3.12
C ILE A 17 1.29 1.35 -3.33
N SER A 18 1.45 2.44 -2.60
CA SER A 18 0.53 3.57 -2.70
C SER A 18 0.50 4.12 -4.12
N VAL A 19 1.64 4.64 -4.57
CA VAL A 19 1.75 5.19 -5.92
C VAL A 19 1.43 4.14 -6.97
N LYS A 20 1.90 2.92 -6.74
CA LYS A 20 1.67 1.82 -7.68
C LYS A 20 0.18 1.54 -7.83
N LYS A 21 -0.54 1.59 -6.70
CA LYS A 21 -1.98 1.35 -6.70
C LYS A 21 -2.71 2.41 -7.51
N LYS A 22 -2.28 3.66 -7.36
CA LYS A 22 -2.91 4.77 -8.07
C LYS A 22 -2.77 4.60 -9.58
N GLN A 23 -1.80 3.77 -9.99
CA GLN A 23 -1.56 3.52 -11.40
C GLN A 23 -2.57 2.52 -11.96
N GLU A 24 -2.66 2.46 -13.28
CA GLU A 24 -3.60 1.54 -13.94
C GLU A 24 -3.08 0.10 -13.86
N GLN A 25 -3.61 -0.65 -12.91
CA GLN A 25 -3.21 -2.05 -12.73
C GLN A 25 -3.50 -2.87 -13.99
N PRO A 26 -2.77 -3.97 -14.16
CA PRO A 26 -2.93 -4.86 -15.32
C PRO A 26 -4.25 -5.62 -15.29
N VAL A 1 4.35 -10.66 9.91
CA VAL A 1 2.97 -10.98 9.57
C VAL A 1 2.01 -9.89 10.07
N SER A 2 2.38 -9.24 11.16
CA SER A 2 1.57 -8.18 11.74
C SER A 2 1.78 -6.87 10.98
N VAL A 3 2.89 -6.78 10.27
CA VAL A 3 3.21 -5.58 9.51
C VAL A 3 2.50 -5.57 8.16
N ASP A 4 2.11 -6.76 7.70
CA ASP A 4 1.42 -6.89 6.43
C ASP A 4 0.11 -6.10 6.43
N PRO A 5 -0.73 -6.35 7.45
CA PRO A 5 -2.02 -5.67 7.59
C PRO A 5 -1.86 -4.20 7.96
N PHE A 6 -0.75 -3.87 8.61
CA PHE A 6 -0.48 -2.50 9.02
C PHE A 6 -0.35 -1.59 7.81
N TYR A 7 0.57 -1.92 6.92
CA TYR A 7 0.81 -1.14 5.72
C TYR A 7 -0.29 -1.37 4.69
N GLU A 8 -1.06 -2.45 4.89
CA GLU A 8 -2.15 -2.78 3.98
C GLU A 8 -3.38 -1.92 4.26
N MET A 9 -3.66 -1.71 5.54
CA MET A 9 -4.82 -0.90 5.94
C MET A 9 -4.49 0.58 5.86
N LEU A 10 -3.26 0.94 6.25
CA LEU A 10 -2.83 2.32 6.22
C LEU A 10 -2.50 2.77 4.81
N ALA A 11 -3.07 3.90 4.40
CA ALA A 11 -2.83 4.45 3.07
C ALA A 11 -1.50 5.18 3.00
N ALA A 12 -1.18 5.92 4.05
CA ALA A 12 0.06 6.68 4.11
C ALA A 12 1.26 5.75 4.30
N ARG A 13 0.99 4.54 4.79
CA ARG A 13 2.05 3.56 5.00
C ARG A 13 2.61 3.05 3.68
N LYS A 14 1.71 2.73 2.76
CA LYS A 14 2.12 2.23 1.45
C LYS A 14 2.99 3.25 0.72
N LYS A 15 4.29 3.02 0.72
CA LYS A 15 5.23 3.92 0.07
C LYS A 15 5.30 3.63 -1.44
N ARG A 16 6.03 2.57 -1.79
CA ARG A 16 6.18 2.19 -3.19
C ARG A 16 4.96 1.40 -3.67
N ILE A 17 4.44 0.54 -2.80
CA ILE A 17 3.29 -0.27 -3.12
C ILE A 17 2.10 0.59 -3.53
N SER A 18 1.96 1.75 -2.88
CA SER A 18 0.86 2.67 -3.17
C SER A 18 0.91 3.11 -4.62
N VAL A 19 1.98 3.80 -5.00
CA VAL A 19 2.14 4.28 -6.37
C VAL A 19 2.14 3.13 -7.36
N LYS A 20 2.78 2.03 -6.99
CA LYS A 20 2.85 0.85 -7.84
C LYS A 20 1.47 0.31 -8.14
N LYS A 21 0.61 0.31 -7.13
CA LYS A 21 -0.76 -0.18 -7.28
C LYS A 21 -1.59 0.77 -8.13
N LYS A 22 -1.39 2.07 -7.92
CA LYS A 22 -2.13 3.09 -8.66
C LYS A 22 -1.82 2.99 -10.15
N GLN A 23 -0.69 2.36 -10.48
CA GLN A 23 -0.28 2.21 -11.87
C GLN A 23 -1.24 1.31 -12.63
N GLU A 24 -2.01 0.51 -11.89
CA GLU A 24 -2.97 -0.40 -12.50
C GLU A 24 -4.23 0.36 -12.92
N GLN A 25 -4.78 1.14 -12.01
CA GLN A 25 -5.99 1.91 -12.28
C GLN A 25 -5.68 3.07 -13.23
N PRO A 26 -6.74 3.59 -13.89
CA PRO A 26 -6.60 4.70 -14.84
C PRO A 26 -6.25 6.01 -14.14
N VAL A 1 3.02 -11.21 9.64
CA VAL A 1 1.59 -11.19 9.41
C VAL A 1 0.94 -9.94 10.01
N SER A 2 1.58 -9.41 11.06
CA SER A 2 1.07 -8.23 11.73
C SER A 2 1.45 -6.95 10.96
N VAL A 3 2.46 -7.08 10.10
CA VAL A 3 2.93 -5.95 9.31
C VAL A 3 2.07 -5.76 8.07
N ASP A 4 1.40 -6.84 7.65
CA ASP A 4 0.54 -6.79 6.47
C ASP A 4 -0.56 -5.75 6.65
N PRO A 5 -1.31 -5.85 7.76
CA PRO A 5 -2.40 -4.93 8.07
C PRO A 5 -1.91 -3.53 8.40
N PHE A 6 -0.72 -3.45 8.99
CA PHE A 6 -0.13 -2.18 9.37
C PHE A 6 0.05 -1.29 8.15
N TYR A 7 0.87 -1.73 7.21
CA TYR A 7 1.13 -0.97 5.99
C TYR A 7 -0.12 -0.89 5.12
N GLU A 8 -1.06 -1.81 5.36
CA GLU A 8 -2.30 -1.85 4.59
C GLU A 8 -3.24 -0.74 5.03
N MET A 9 -3.35 -0.54 6.34
CA MET A 9 -4.22 0.49 6.89
C MET A 9 -3.55 1.86 6.83
N LEU A 10 -2.24 1.89 7.09
CA LEU A 10 -1.49 3.14 7.05
C LEU A 10 -1.16 3.54 5.62
N ALA A 11 -1.47 4.78 5.27
CA ALA A 11 -1.21 5.29 3.93
C ALA A 11 0.24 5.72 3.78
N ALA A 12 0.78 6.33 4.83
CA ALA A 12 2.16 6.79 4.81
C ALA A 12 3.13 5.62 4.77
N ARG A 13 2.64 4.44 5.17
CA ARG A 13 3.47 3.24 5.18
C ARG A 13 3.64 2.68 3.76
N LYS A 14 2.57 2.73 2.98
CA LYS A 14 2.60 2.24 1.61
C LYS A 14 3.55 3.07 0.75
N LYS A 15 4.76 2.56 0.57
CA LYS A 15 5.78 3.24 -0.23
C LYS A 15 5.55 2.99 -1.72
N ARG A 16 6.01 1.83 -2.18
CA ARG A 16 5.87 1.47 -3.59
C ARG A 16 4.48 0.89 -3.86
N ILE A 17 3.83 0.39 -2.80
CA ILE A 17 2.51 -0.19 -2.93
C ILE A 17 1.45 0.89 -3.16
N SER A 18 1.64 2.04 -2.52
CA SER A 18 0.70 3.15 -2.65
C SER A 18 0.59 3.59 -4.11
N VAL A 19 1.72 3.97 -4.70
CA VAL A 19 1.75 4.42 -6.08
C VAL A 19 1.28 3.31 -7.03
N LYS A 20 1.69 2.08 -6.73
CA LYS A 20 1.30 0.93 -7.55
C LYS A 20 -0.21 0.76 -7.57
N LYS A 21 -0.84 0.95 -6.41
CA LYS A 21 -2.29 0.82 -6.30
C LYS A 21 -3.00 1.88 -7.14
N LYS A 22 -2.48 3.10 -7.10
CA LYS A 22 -3.06 4.21 -7.85
C LYS A 22 -2.82 4.03 -9.35
N GLN A 23 -1.83 3.21 -9.69
CA GLN A 23 -1.51 2.96 -11.09
C GLN A 23 -2.53 2.01 -11.72
N GLU A 24 -3.48 2.58 -12.45
CA GLU A 24 -4.51 1.79 -13.10
C GLU A 24 -3.91 0.90 -14.19
N GLN A 25 -4.06 -0.41 -14.04
CA GLN A 25 -3.53 -1.36 -15.01
C GLN A 25 -4.39 -1.38 -16.27
N PRO A 26 -3.81 -1.89 -17.37
CA PRO A 26 -4.51 -1.99 -18.65
C PRO A 26 -5.61 -3.02 -18.64
N VAL A 1 4.53 -10.48 9.78
CA VAL A 1 3.15 -10.86 9.50
C VAL A 1 2.18 -9.79 9.97
N SER A 2 2.53 -9.12 11.06
CA SER A 2 1.68 -8.07 11.62
C SER A 2 1.86 -6.76 10.86
N VAL A 3 2.97 -6.65 10.14
CA VAL A 3 3.26 -5.45 9.36
C VAL A 3 2.56 -5.49 8.02
N ASP A 4 2.21 -6.68 7.56
CA ASP A 4 1.52 -6.86 6.29
C ASP A 4 0.19 -6.09 6.28
N PRO A 5 -0.65 -6.35 7.30
CA PRO A 5 -1.95 -5.71 7.43
C PRO A 5 -1.84 -4.23 7.78
N PHE A 6 -0.79 -3.88 8.52
CA PHE A 6 -0.56 -2.50 8.92
C PHE A 6 -0.40 -1.60 7.70
N TYR A 7 0.56 -1.94 6.84
CA TYR A 7 0.82 -1.16 5.63
C TYR A 7 -0.26 -1.40 4.59
N GLU A 8 -1.03 -2.46 4.78
CA GLU A 8 -2.10 -2.81 3.85
C GLU A 8 -3.34 -1.95 4.10
N MET A 9 -3.66 -1.74 5.38
CA MET A 9 -4.82 -0.94 5.75
C MET A 9 -4.49 0.55 5.69
N LEU A 10 -3.30 0.91 6.15
CA LEU A 10 -2.87 2.31 6.13
C LEU A 10 -2.45 2.74 4.72
N ALA A 11 -3.07 3.79 4.22
CA ALA A 11 -2.76 4.31 2.89
C ALA A 11 -1.50 5.17 2.92
N ALA A 12 -1.17 5.68 4.10
CA ALA A 12 0.01 6.52 4.26
C ALA A 12 1.27 5.68 4.40
N ARG A 13 1.10 4.42 4.78
CA ARG A 13 2.22 3.51 4.95
C ARG A 13 2.79 3.07 3.61
N LYS A 14 1.89 2.83 2.65
CA LYS A 14 2.30 2.40 1.32
C LYS A 14 3.18 3.45 0.66
N LYS A 15 4.48 3.16 0.58
CA LYS A 15 5.43 4.09 -0.03
C LYS A 15 5.44 3.94 -1.54
N ARG A 16 6.21 2.98 -2.03
CA ARG A 16 6.32 2.74 -3.47
C ARG A 16 5.17 1.85 -3.95
N ILE A 17 4.59 1.09 -3.02
CA ILE A 17 3.49 0.19 -3.35
C ILE A 17 2.24 0.98 -3.73
N SER A 18 2.03 2.10 -3.05
CA SER A 18 0.86 2.94 -3.32
C SER A 18 0.86 3.42 -4.77
N VAL A 19 1.91 4.14 -5.15
CA VAL A 19 2.04 4.66 -6.50
C VAL A 19 2.04 3.52 -7.53
N LYS A 20 2.71 2.43 -7.18
CA LYS A 20 2.79 1.28 -8.08
C LYS A 20 1.39 0.72 -8.37
N LYS A 21 0.55 0.68 -7.34
CA LYS A 21 -0.81 0.17 -7.48
C LYS A 21 -1.73 1.23 -8.09
N LYS A 22 -1.30 2.49 -8.00
CA LYS A 22 -2.08 3.60 -8.54
C LYS A 22 -1.87 3.73 -10.05
N GLN A 23 -0.78 3.15 -10.55
CA GLN A 23 -0.46 3.19 -11.96
C GLN A 23 -1.56 2.53 -12.79
N GLU A 24 -1.58 1.20 -12.75
CA GLU A 24 -2.58 0.44 -13.50
C GLU A 24 -3.96 0.58 -12.85
N GLN A 25 -4.98 0.67 -13.69
CA GLN A 25 -6.35 0.81 -13.20
C GLN A 25 -6.76 -0.42 -12.39
N PRO A 26 -7.81 -0.25 -11.56
CA PRO A 26 -8.33 -1.33 -10.71
C PRO A 26 -9.00 -2.44 -11.52
N VAL A 1 3.14 -11.35 9.09
CA VAL A 1 1.73 -11.38 8.76
C VAL A 1 0.98 -10.21 9.39
N SER A 2 1.50 -9.72 10.51
CA SER A 2 0.89 -8.60 11.21
C SER A 2 1.26 -7.27 10.55
N VAL A 3 2.34 -7.29 9.77
CA VAL A 3 2.80 -6.09 9.08
C VAL A 3 2.02 -5.87 7.78
N ASP A 4 1.44 -6.94 7.27
CA ASP A 4 0.67 -6.87 6.03
C ASP A 4 -0.50 -5.90 6.18
N PRO A 5 -1.32 -6.10 7.22
CA PRO A 5 -2.47 -5.25 7.49
C PRO A 5 -2.08 -3.85 7.95
N PHE A 6 -0.92 -3.75 8.60
CA PHE A 6 -0.43 -2.48 9.10
C PHE A 6 -0.25 -1.49 7.95
N TYR A 7 0.60 -1.84 6.99
CA TYR A 7 0.87 -0.99 5.84
C TYR A 7 -0.34 -0.93 4.92
N GLU A 8 -1.22 -1.92 5.04
CA GLU A 8 -2.42 -1.99 4.22
C GLU A 8 -3.46 -0.95 4.68
N MET A 9 -3.61 -0.82 5.99
CA MET A 9 -4.56 0.13 6.55
C MET A 9 -3.97 1.53 6.58
N LEU A 10 -2.69 1.63 6.88
CA LEU A 10 -2.02 2.92 6.93
C LEU A 10 -1.75 3.45 5.52
N ALA A 11 -2.11 4.70 5.29
CA ALA A 11 -1.91 5.33 3.98
C ALA A 11 -0.49 5.83 3.83
N ALA A 12 0.06 6.39 4.91
CA ALA A 12 1.43 6.90 4.89
C ALA A 12 2.45 5.76 4.85
N ARG A 13 2.00 4.57 5.25
CA ARG A 13 2.88 3.40 5.26
C ARG A 13 3.14 2.91 3.83
N LYS A 14 2.10 2.94 3.00
CA LYS A 14 2.22 2.50 1.62
C LYS A 14 3.17 3.41 0.83
N LYS A 15 4.38 2.94 0.59
CA LYS A 15 5.38 3.70 -0.14
C LYS A 15 5.16 3.58 -1.65
N ARG A 16 5.58 2.45 -2.21
CA ARG A 16 5.42 2.20 -3.64
C ARG A 16 4.00 1.71 -3.96
N ILE A 17 3.46 0.86 -3.09
CA ILE A 17 2.13 0.33 -3.28
C ILE A 17 1.10 1.45 -3.39
N SER A 18 1.30 2.52 -2.64
CA SER A 18 0.40 3.65 -2.65
C SER A 18 0.29 4.25 -4.06
N VAL A 19 1.40 4.75 -4.57
CA VAL A 19 1.42 5.34 -5.91
C VAL A 19 1.02 4.32 -6.97
N LYS A 20 1.48 3.08 -6.79
CA LYS A 20 1.16 2.01 -7.74
C LYS A 20 -0.34 1.76 -7.78
N LYS A 21 -0.97 1.80 -6.62
CA LYS A 21 -2.41 1.58 -6.53
C LYS A 21 -3.18 2.65 -7.31
N LYS A 22 -2.77 3.90 -7.15
CA LYS A 22 -3.42 5.00 -7.83
C LYS A 22 -3.33 4.83 -9.35
N GLN A 23 -2.38 4.02 -9.79
CA GLN A 23 -2.19 3.77 -11.21
C GLN A 23 -3.21 2.75 -11.73
N GLU A 24 -3.54 2.84 -13.02
CA GLU A 24 -4.49 1.93 -13.63
C GLU A 24 -3.88 0.55 -13.84
N GLN A 25 -4.34 -0.42 -13.06
CA GLN A 25 -3.83 -1.78 -13.15
C GLN A 25 -4.41 -2.49 -14.37
N PRO A 26 -3.73 -3.57 -14.81
CA PRO A 26 -4.17 -4.36 -15.97
C PRO A 26 -5.45 -5.14 -15.69
N VAL A 1 4.38 -10.93 9.26
CA VAL A 1 2.96 -11.17 9.01
C VAL A 1 2.10 -10.07 9.62
N SER A 2 2.58 -9.48 10.71
CA SER A 2 1.86 -8.42 11.40
C SER A 2 2.04 -7.08 10.68
N VAL A 3 3.09 -6.99 9.87
CA VAL A 3 3.37 -5.78 9.11
C VAL A 3 2.53 -5.70 7.85
N ASP A 4 2.07 -6.85 7.38
CA ASP A 4 1.26 -6.92 6.17
C ASP A 4 -0.02 -6.09 6.33
N PRO A 5 -0.77 -6.36 7.41
CA PRO A 5 -2.01 -5.65 7.70
C PRO A 5 -1.78 -4.20 8.10
N PHE A 6 -0.65 -3.94 8.76
CA PHE A 6 -0.31 -2.60 9.20
C PHE A 6 -0.21 -1.65 8.01
N TYR A 7 0.63 -2.01 7.04
CA TYR A 7 0.82 -1.19 5.86
C TYR A 7 -0.36 -1.32 4.91
N GLU A 8 -1.18 -2.35 5.12
CA GLU A 8 -2.35 -2.58 4.28
C GLU A 8 -3.51 -1.68 4.70
N MET A 9 -3.68 -1.51 6.01
CA MET A 9 -4.75 -0.68 6.54
C MET A 9 -4.36 0.80 6.50
N LEU A 10 -3.11 1.08 6.84
CA LEU A 10 -2.61 2.45 6.83
C LEU A 10 -2.30 2.92 5.41
N ALA A 11 -2.83 4.09 5.05
CA ALA A 11 -2.61 4.65 3.72
C ALA A 11 -1.25 5.32 3.63
N ALA A 12 -0.86 6.02 4.69
CA ALA A 12 0.42 6.71 4.72
C ALA A 12 1.58 5.73 4.75
N ARG A 13 1.28 4.49 5.14
CA ARG A 13 2.31 3.45 5.21
C ARG A 13 2.71 3.00 3.81
N LYS A 14 1.73 2.84 2.94
CA LYS A 14 1.98 2.41 1.57
C LYS A 14 2.89 3.40 0.85
N LYS A 15 4.18 3.07 0.79
CA LYS A 15 5.16 3.93 0.12
C LYS A 15 5.14 3.70 -1.39
N ARG A 16 5.82 2.65 -1.83
CA ARG A 16 5.90 2.33 -3.25
C ARG A 16 4.65 1.56 -3.69
N ILE A 17 3.97 0.94 -2.73
CA ILE A 17 2.76 0.18 -3.02
C ILE A 17 1.59 1.10 -3.33
N SER A 18 1.53 2.24 -2.64
CA SER A 18 0.47 3.21 -2.85
C SER A 18 0.43 3.69 -4.30
N VAL A 19 1.56 4.23 -4.76
CA VAL A 19 1.66 4.73 -6.12
C VAL A 19 1.49 3.60 -7.13
N LYS A 20 2.04 2.44 -6.81
CA LYS A 20 1.95 1.28 -7.70
C LYS A 20 0.53 0.71 -7.70
N LYS A 21 -0.27 1.09 -6.71
CA LYS A 21 -1.64 0.64 -6.60
C LYS A 21 -2.56 1.46 -7.49
N LYS A 22 -2.42 2.78 -7.42
CA LYS A 22 -3.24 3.68 -8.23
C LYS A 22 -2.76 3.69 -9.68
N GLN A 23 -1.45 3.70 -9.88
CA GLN A 23 -0.87 3.71 -11.22
C GLN A 23 -1.19 2.42 -11.95
N GLU A 24 -1.64 1.42 -11.21
CA GLU A 24 -1.99 0.12 -11.80
C GLU A 24 -3.37 0.18 -12.45
N GLN A 25 -3.43 -0.20 -13.72
CA GLN A 25 -4.69 -0.20 -14.46
C GLN A 25 -5.67 -1.21 -13.88
N PRO A 26 -6.96 -1.03 -14.18
CA PRO A 26 -8.02 -1.92 -13.70
C PRO A 26 -7.97 -3.30 -14.34
N VAL A 1 4.16 -11.02 9.45
CA VAL A 1 2.73 -11.20 9.21
C VAL A 1 1.92 -10.05 9.82
N SER A 2 2.47 -9.45 10.88
CA SER A 2 1.80 -8.34 11.55
C SER A 2 2.01 -7.04 10.79
N VAL A 3 3.04 -7.01 9.95
CA VAL A 3 3.35 -5.82 9.17
C VAL A 3 2.49 -5.75 7.91
N ASP A 4 1.98 -6.89 7.49
CA ASP A 4 1.13 -6.95 6.30
C ASP A 4 -0.10 -6.08 6.46
N PRO A 5 -0.84 -6.29 7.57
CA PRO A 5 -2.06 -5.52 7.86
C PRO A 5 -1.76 -4.07 8.23
N PHE A 6 -0.59 -3.85 8.83
CA PHE A 6 -0.18 -2.51 9.23
C PHE A 6 -0.11 -1.58 8.03
N TYR A 7 0.72 -1.95 7.05
CA TYR A 7 0.88 -1.15 5.84
C TYR A 7 -0.35 -1.26 4.94
N GLU A 8 -1.13 -2.31 5.15
CA GLU A 8 -2.34 -2.52 4.37
C GLU A 8 -3.46 -1.58 4.79
N MET A 9 -3.60 -1.38 6.11
CA MET A 9 -4.61 -0.50 6.65
C MET A 9 -4.17 0.96 6.57
N LEU A 10 -2.89 1.19 6.83
CA LEU A 10 -2.33 2.55 6.80
C LEU A 10 -2.03 2.97 5.36
N ALA A 11 -2.47 4.17 4.99
CA ALA A 11 -2.24 4.69 3.65
C ALA A 11 -0.84 5.26 3.51
N ALA A 12 -0.37 5.94 4.56
CA ALA A 12 0.97 6.53 4.55
C ALA A 12 2.03 5.45 4.44
N ARG A 13 1.83 4.34 5.14
CA ARG A 13 2.78 3.23 5.12
C ARG A 13 2.97 2.70 3.70
N LYS A 14 2.00 2.99 2.83
CA LYS A 14 2.05 2.54 1.45
C LYS A 14 2.95 3.45 0.61
N LYS A 15 4.16 2.98 0.34
CA LYS A 15 5.12 3.76 -0.45
C LYS A 15 4.85 3.60 -1.94
N ARG A 16 5.28 2.49 -2.51
CA ARG A 16 5.08 2.22 -3.92
C ARG A 16 3.67 1.69 -4.18
N ILE A 17 3.18 0.86 -3.28
CA ILE A 17 1.84 0.29 -3.40
C ILE A 17 0.79 1.38 -3.50
N SER A 18 1.00 2.47 -2.77
CA SER A 18 0.06 3.59 -2.78
C SER A 18 -0.12 4.14 -4.19
N VAL A 19 0.95 4.70 -4.74
CA VAL A 19 0.91 5.27 -6.09
C VAL A 19 0.60 4.19 -7.12
N LYS A 20 1.19 3.01 -6.95
CA LYS A 20 0.98 1.90 -7.87
C LYS A 20 -0.49 1.50 -7.89
N LYS A 21 -1.22 1.85 -6.83
CA LYS A 21 -2.63 1.51 -6.73
C LYS A 21 -3.48 2.53 -7.51
N LYS A 22 -3.31 3.80 -7.19
CA LYS A 22 -4.05 4.86 -7.85
C LYS A 22 -3.73 4.90 -9.34
N GLN A 23 -2.46 4.72 -9.67
CA GLN A 23 -2.02 4.74 -11.07
C GLN A 23 -2.59 3.55 -11.83
N GLU A 24 -2.25 3.44 -13.11
CA GLU A 24 -2.74 2.36 -13.95
C GLU A 24 -2.26 1.01 -13.41
N GLN A 25 -3.20 0.08 -13.26
CA GLN A 25 -2.88 -1.25 -12.76
C GLN A 25 -1.88 -1.95 -13.67
N PRO A 26 -1.13 -2.92 -13.11
CA PRO A 26 -0.13 -3.68 -13.85
C PRO A 26 -0.75 -4.63 -14.88
N VAL A 1 4.28 -10.71 10.33
CA VAL A 1 2.83 -10.87 10.21
C VAL A 1 2.10 -9.67 10.81
N SER A 2 2.74 -9.00 11.76
CA SER A 2 2.15 -7.84 12.41
C SER A 2 2.30 -6.59 11.54
N VAL A 3 3.25 -6.64 10.60
CA VAL A 3 3.49 -5.52 9.71
C VAL A 3 2.51 -5.52 8.54
N ASP A 4 1.94 -6.69 8.26
CA ASP A 4 0.98 -6.83 7.16
C ASP A 4 -0.22 -5.91 7.39
N PRO A 5 -0.85 -6.04 8.57
CA PRO A 5 -2.02 -5.24 8.92
C PRO A 5 -1.68 -3.77 9.15
N PHE A 6 -0.48 -3.53 9.67
CA PHE A 6 -0.03 -2.16 9.94
C PHE A 6 0.00 -1.34 8.65
N TYR A 7 0.69 -1.86 7.64
CA TYR A 7 0.80 -1.17 6.36
C TYR A 7 -0.49 -1.31 5.56
N GLU A 8 -1.33 -2.26 5.96
CA GLU A 8 -2.59 -2.50 5.27
C GLU A 8 -3.65 -1.49 5.71
N MET A 9 -3.66 -1.19 7.01
CA MET A 9 -4.62 -0.24 7.57
C MET A 9 -4.17 1.19 7.32
N LEU A 10 -2.87 1.43 7.48
CA LEU A 10 -2.32 2.77 7.28
C LEU A 10 -2.16 3.08 5.79
N ALA A 11 -2.65 4.24 5.38
CA ALA A 11 -2.57 4.65 3.98
C ALA A 11 -1.19 5.22 3.66
N ALA A 12 -0.64 5.98 4.59
CA ALA A 12 0.68 6.59 4.41
C ALA A 12 1.77 5.53 4.41
N ARG A 13 1.46 4.37 4.96
CA ARG A 13 2.42 3.26 5.02
C ARG A 13 2.61 2.64 3.65
N LYS A 14 1.64 2.85 2.76
CA LYS A 14 1.70 2.30 1.41
C LYS A 14 2.65 3.12 0.53
N LYS A 15 3.87 2.61 0.36
CA LYS A 15 4.87 3.29 -0.45
C LYS A 15 4.65 3.00 -1.94
N ARG A 16 5.05 1.81 -2.37
CA ARG A 16 4.90 1.42 -3.76
C ARG A 16 3.49 0.92 -4.04
N ILE A 17 2.92 0.20 -3.07
CA ILE A 17 1.57 -0.34 -3.21
C ILE A 17 0.57 0.78 -3.46
N SER A 18 0.79 1.92 -2.82
CA SER A 18 -0.10 3.06 -2.98
C SER A 18 -0.17 3.51 -4.43
N VAL A 19 0.96 3.98 -4.96
CA VAL A 19 1.03 4.43 -6.34
C VAL A 19 0.67 3.31 -7.31
N LYS A 20 1.12 2.09 -7.01
CA LYS A 20 0.84 0.94 -7.85
C LYS A 20 -0.66 0.70 -7.97
N LYS A 21 -1.37 0.88 -6.85
CA LYS A 21 -2.81 0.69 -6.84
C LYS A 21 -3.53 1.87 -7.49
N LYS A 22 -3.17 3.08 -7.08
CA LYS A 22 -3.78 4.29 -7.63
C LYS A 22 -3.53 4.38 -9.13
N GLN A 23 -2.50 3.69 -9.61
CA GLN A 23 -2.17 3.70 -11.03
C GLN A 23 -3.32 3.16 -11.86
N GLU A 24 -3.81 3.97 -12.78
CA GLU A 24 -4.92 3.58 -13.64
C GLU A 24 -4.55 2.35 -14.47
N GLN A 25 -3.40 2.41 -15.12
CA GLN A 25 -2.94 1.30 -15.95
C GLN A 25 -2.34 0.20 -15.09
N PRO A 26 -2.25 -1.01 -15.66
CA PRO A 26 -1.70 -2.19 -14.96
C PRO A 26 -0.19 -2.07 -14.74
N VAL A 1 3.18 -10.95 10.58
CA VAL A 1 1.76 -11.04 10.27
C VAL A 1 1.01 -9.79 10.71
N SER A 2 1.52 -9.15 11.75
CA SER A 2 0.89 -7.93 12.28
C SER A 2 1.29 -6.72 11.44
N VAL A 3 2.37 -6.86 10.69
CA VAL A 3 2.86 -5.77 9.84
C VAL A 3 2.10 -5.72 8.52
N ASP A 4 1.52 -6.85 8.14
CA ASP A 4 0.76 -6.93 6.89
C ASP A 4 -0.40 -5.95 6.91
N PRO A 5 -1.23 -6.02 7.97
CA PRO A 5 -2.40 -5.14 8.12
C PRO A 5 -2.00 -3.70 8.39
N PHE A 6 -0.87 -3.52 9.08
CA PHE A 6 -0.39 -2.18 9.41
C PHE A 6 -0.13 -1.36 8.15
N TYR A 7 0.72 -1.90 7.27
CA TYR A 7 1.05 -1.22 6.02
C TYR A 7 -0.10 -1.30 5.04
N GLU A 8 -1.03 -2.21 5.29
CA GLU A 8 -2.19 -2.38 4.42
C GLU A 8 -3.25 -1.34 4.71
N MET A 9 -3.47 -1.07 6.00
CA MET A 9 -4.47 -0.08 6.42
C MET A 9 -3.90 1.34 6.30
N LEU A 10 -2.64 1.50 6.68
CA LEU A 10 -1.98 2.81 6.62
C LEU A 10 -1.50 3.10 5.22
N ALA A 11 -1.96 4.23 4.66
CA ALA A 11 -1.58 4.63 3.31
C ALA A 11 -0.19 5.25 3.31
N ALA A 12 0.29 5.64 4.49
CA ALA A 12 1.61 6.25 4.62
C ALA A 12 2.72 5.24 4.33
N ARG A 13 2.65 4.08 5.00
CA ARG A 13 3.64 3.04 4.81
C ARG A 13 3.68 2.57 3.35
N LYS A 14 2.60 2.83 2.63
CA LYS A 14 2.50 2.44 1.22
C LYS A 14 3.38 3.33 0.36
N LYS A 15 4.61 2.88 0.12
CA LYS A 15 5.55 3.64 -0.70
C LYS A 15 5.30 3.40 -2.18
N ARG A 16 5.74 2.24 -2.66
CA ARG A 16 5.56 1.88 -4.07
C ARG A 16 4.16 1.34 -4.32
N ILE A 17 3.65 0.56 -3.36
CA ILE A 17 2.32 -0.02 -3.48
C ILE A 17 1.26 1.06 -3.66
N SER A 18 1.45 2.19 -2.99
CA SER A 18 0.52 3.31 -3.08
C SER A 18 0.40 3.80 -4.52
N VAL A 19 1.50 4.29 -5.07
CA VAL A 19 1.51 4.78 -6.44
C VAL A 19 1.11 3.70 -7.43
N LYS A 20 1.59 2.48 -7.18
CA LYS A 20 1.28 1.35 -8.05
C LYS A 20 -0.19 0.97 -7.95
N LYS A 21 -0.83 1.39 -6.86
CA LYS A 21 -2.25 1.10 -6.65
C LYS A 21 -3.12 2.05 -7.45
N LYS A 22 -2.78 3.34 -7.42
CA LYS A 22 -3.54 4.34 -8.15
C LYS A 22 -3.28 4.25 -9.64
N GLN A 23 -2.17 3.61 -10.00
CA GLN A 23 -1.80 3.45 -11.41
C GLN A 23 -2.83 2.60 -12.14
N GLU A 24 -3.52 3.21 -13.10
CA GLU A 24 -4.54 2.51 -13.88
C GLU A 24 -3.91 1.41 -14.74
N GLN A 25 -4.11 0.16 -14.31
CA GLN A 25 -3.56 -0.98 -15.04
C GLN A 25 -4.33 -1.24 -16.32
N PRO A 26 -3.72 -1.97 -17.25
CA PRO A 26 -4.33 -2.30 -18.55
C PRO A 26 -5.48 -3.29 -18.40
N VAL A 1 3.34 -11.22 9.43
CA VAL A 1 1.90 -11.25 9.21
C VAL A 1 1.23 -10.05 9.86
N SER A 2 1.85 -9.52 10.90
CA SER A 2 1.31 -8.36 11.61
C SER A 2 1.60 -7.07 10.86
N VAL A 3 2.60 -7.11 9.98
CA VAL A 3 2.98 -5.95 9.20
C VAL A 3 2.08 -5.78 7.98
N ASP A 4 1.44 -6.87 7.57
CA ASP A 4 0.55 -6.85 6.42
C ASP A 4 -0.60 -5.87 6.64
N PRO A 5 -1.31 -6.03 7.78
CA PRO A 5 -2.44 -5.18 8.14
C PRO A 5 -2.01 -3.77 8.50
N PHE A 6 -0.84 -3.66 9.11
CA PHE A 6 -0.30 -2.36 9.51
C PHE A 6 -0.14 -1.44 8.30
N TYR A 7 0.67 -1.87 7.35
CA TYR A 7 0.91 -1.08 6.15
C TYR A 7 -0.34 -1.02 5.27
N GLU A 8 -1.26 -1.96 5.50
CA GLU A 8 -2.49 -2.00 4.73
C GLU A 8 -3.47 -0.94 5.22
N MET A 9 -3.58 -0.79 6.54
CA MET A 9 -4.48 0.19 7.13
C MET A 9 -3.87 1.59 7.06
N LEU A 10 -2.56 1.68 7.27
CA LEU A 10 -1.87 2.96 7.23
C LEU A 10 -1.61 3.40 5.79
N ALA A 11 -2.10 4.58 5.45
CA ALA A 11 -1.93 5.12 4.11
C ALA A 11 -0.54 5.74 3.94
N ALA A 12 0.09 6.07 5.06
CA ALA A 12 1.42 6.67 5.03
C ALA A 12 2.50 5.60 4.85
N ARG A 13 2.15 4.36 5.16
CA ARG A 13 3.09 3.24 5.02
C ARG A 13 3.26 2.85 3.56
N LYS A 14 2.15 2.77 2.84
CA LYS A 14 2.17 2.41 1.43
C LYS A 14 3.00 3.41 0.62
N LYS A 15 4.26 3.07 0.39
CA LYS A 15 5.15 3.94 -0.37
C LYS A 15 4.94 3.76 -1.87
N ARG A 16 5.47 2.66 -2.41
CA ARG A 16 5.34 2.37 -3.84
C ARG A 16 3.98 1.75 -4.14
N ILE A 17 3.52 0.89 -3.25
CA ILE A 17 2.23 0.23 -3.41
C ILE A 17 1.10 1.25 -3.56
N SER A 18 1.21 2.35 -2.83
CA SER A 18 0.20 3.39 -2.85
C SER A 18 0.03 3.94 -4.27
N VAL A 19 1.10 4.52 -4.81
CA VAL A 19 1.06 5.08 -6.16
C VAL A 19 0.86 3.99 -7.20
N LYS A 20 1.49 2.84 -6.97
CA LYS A 20 1.37 1.71 -7.89
C LYS A 20 -0.08 1.23 -7.98
N LYS A 21 -0.87 1.53 -6.96
CA LYS A 21 -2.26 1.13 -6.92
C LYS A 21 -3.13 2.13 -7.70
N LYS A 22 -2.97 3.41 -7.38
CA LYS A 22 -3.74 4.45 -8.04
C LYS A 22 -3.49 4.44 -9.55
N GLN A 23 -2.23 4.26 -9.94
CA GLN A 23 -1.86 4.23 -11.34
C GLN A 23 -2.59 3.10 -12.08
N GLU A 24 -2.84 3.30 -13.37
CA GLU A 24 -3.53 2.31 -14.17
C GLU A 24 -2.68 1.05 -14.33
N GLN A 25 -3.13 -0.04 -13.74
CA GLN A 25 -2.42 -1.31 -13.81
C GLN A 25 -2.33 -1.80 -15.25
N PRO A 26 -1.38 -2.71 -15.51
CA PRO A 26 -1.16 -3.27 -16.84
C PRO A 26 -2.29 -4.21 -17.26
#